data_8Q06
#
_entry.id   8Q06
#
_cell.length_a   38.279
_cell.length_b   134.139
_cell.length_c   45.498
_cell.angle_alpha   90.000
_cell.angle_beta   114.670
_cell.angle_gamma   90.000
#
_symmetry.space_group_name_H-M   'P 1 21 1'
#
loop_
_entity.id
_entity.type
_entity.pdbx_description
1 polymer 'Ubiquitin carboxyl-terminal hydrolase MINDY'
2 polymer 'UV excision repair protein RAD23 homolog A'
3 non-polymer GLYCEROL
4 water water
#
loop_
_entity_poly.entity_id
_entity_poly.type
_entity_poly.pdbx_seq_one_letter_code
_entity_poly.pdbx_strand_id
1 'polypeptide(L)' GPLGSMALVAPEAPSEQARRVFQTYDPEDNGFIPDSLLEDVMKALDLVSDPEYINLMKNKLDPEGLGIILLGPFLQEFFP A,B
2 'polypeptide(L)'
;GPLGSMAVTITLKTLQQQTFKIRMEPDETVKVLKEKIEAEKGRDAFPVAGQKLIYAGKILSDDVPIRDYRIDEKNFVVVM
VTKTKAGQG
;
C,D
#
loop_
_chem_comp.id
_chem_comp.type
_chem_comp.name
_chem_comp.formula
GOL non-polymer GLYCEROL 'C3 H8 O3'
#
# COMPACT_ATOMS: atom_id res chain seq x y z
N GLU A 12 17.86 0.36 28.99
CA GLU A 12 16.71 1.21 28.72
C GLU A 12 15.45 0.35 28.63
N ALA A 13 14.41 0.77 29.34
CA ALA A 13 13.17 0.01 29.38
C ALA A 13 12.74 -0.37 27.96
N PRO A 14 12.40 -1.64 27.71
CA PRO A 14 11.90 -2.00 26.37
C PRO A 14 10.63 -1.27 26.00
N SER A 15 9.89 -0.75 26.99
CA SER A 15 8.67 -0.02 26.68
C SER A 15 8.97 1.26 25.90
N GLU A 16 10.13 1.87 26.13
CA GLU A 16 10.47 3.10 25.42
C GLU A 16 10.62 2.85 23.93
N GLN A 17 11.32 1.77 23.56
CA GLN A 17 11.43 1.43 22.14
C GLN A 17 10.08 1.00 21.58
N ALA A 18 9.27 0.28 22.38
CA ALA A 18 7.94 -0.10 21.89
C ALA A 18 7.12 1.12 21.54
N ARG A 19 7.13 2.14 22.41
CA ARG A 19 6.39 3.36 22.10
C ARG A 19 6.85 3.95 20.78
N ARG A 20 8.16 3.99 20.54
CA ARG A 20 8.68 4.58 19.31
C ARG A 20 8.27 3.77 18.09
N VAL A 21 8.34 2.45 18.19
CA VAL A 21 7.90 1.59 17.08
C VAL A 21 6.41 1.81 16.81
N PHE A 22 5.60 1.84 17.89
CA PHE A 22 4.16 2.04 17.75
C PHE A 22 3.86 3.40 17.11
N GLN A 23 4.56 4.44 17.56
CA GLN A 23 4.37 5.77 16.98
C GLN A 23 4.73 5.78 15.50
N THR A 24 5.68 4.95 15.09
CA THR A 24 6.05 4.89 13.68
C THR A 24 4.93 4.34 12.83
N TYR A 25 4.14 3.41 13.36
CA TYR A 25 2.95 2.93 12.68
C TYR A 25 1.77 3.88 12.84
N ASP A 26 1.90 4.92 13.65
CA ASP A 26 0.84 5.90 13.89
C ASP A 26 1.41 7.31 13.69
N PRO A 27 1.83 7.63 12.47
CA PRO A 27 2.52 8.91 12.24
C PRO A 27 1.65 10.14 12.43
N GLU A 28 0.32 10.00 12.48
CA GLU A 28 -0.56 11.13 12.72
C GLU A 28 -0.83 11.37 14.20
N ASP A 29 -0.25 10.53 15.07
CA ASP A 29 -0.43 10.66 16.52
C ASP A 29 -1.90 10.55 16.90
N ASN A 30 -2.59 9.59 16.28
CA ASN A 30 -3.94 9.24 16.72
C ASN A 30 -3.92 8.68 18.14
N GLY A 31 -2.81 8.09 18.55
CA GLY A 31 -2.76 7.34 19.79
C GLY A 31 -3.23 5.91 19.65
N PHE A 32 -3.45 5.46 18.42
CA PHE A 32 -3.88 4.08 18.17
C PHE A 32 -3.50 3.72 16.73
N ILE A 33 -3.57 2.43 16.44
CA ILE A 33 -3.29 1.92 15.11
C ILE A 33 -4.47 1.05 14.69
N PRO A 34 -4.69 0.89 13.38
CA PRO A 34 -5.65 -0.13 12.93
C PRO A 34 -5.20 -1.49 13.44
N ASP A 35 -6.16 -2.32 13.84
CA ASP A 35 -5.75 -3.60 14.42
C ASP A 35 -5.10 -4.51 13.38
N SER A 36 -5.23 -4.17 12.09
CA SER A 36 -4.52 -4.89 11.03
C SER A 36 -3.00 -4.74 11.11
N LEU A 37 -2.49 -3.76 11.85
CA LEU A 37 -1.05 -3.57 11.98
C LEU A 37 -0.50 -4.14 13.29
N LEU A 38 -1.34 -4.73 14.13
CA LEU A 38 -0.84 -5.30 15.38
C LEU A 38 0.21 -6.35 15.11
N GLU A 39 -0.01 -7.19 14.09
CA GLU A 39 0.96 -8.21 13.73
C GLU A 39 2.31 -7.58 13.38
N ASP A 40 2.30 -6.53 12.57
CA ASP A 40 3.54 -5.85 12.20
C ASP A 40 4.30 -5.37 13.44
N VAL A 41 3.58 -4.73 14.37
CA VAL A 41 4.24 -4.13 15.53
C VAL A 41 4.82 -5.21 16.42
N MET A 42 4.04 -6.25 16.68
CA MET A 42 4.51 -7.33 17.55
C MET A 42 5.71 -8.03 16.95
N LYS A 43 5.70 -8.24 15.64
CA LYS A 43 6.86 -8.82 14.96
C LYS A 43 8.09 -7.94 15.15
N ALA A 44 7.95 -6.64 14.88
CA ALA A 44 9.10 -5.74 14.99
C ALA A 44 9.66 -5.70 16.40
N LEU A 45 8.84 -6.02 17.40
CA LEU A 45 9.24 -5.98 18.80
C LEU A 45 9.57 -7.36 19.36
N ASP A 46 9.73 -8.36 18.49
CA ASP A 46 10.11 -9.72 18.91
C ASP A 46 9.11 -10.28 19.92
N LEU A 47 7.82 -10.10 19.65
CA LEU A 47 6.76 -10.70 20.42
C LEU A 47 6.10 -11.81 19.62
N VAL A 48 5.58 -12.81 20.34
CA VAL A 48 5.00 -13.96 19.68
C VAL A 48 3.92 -13.49 18.71
N SER A 49 3.93 -14.02 17.50
CA SER A 49 3.01 -13.58 16.46
C SER A 49 2.30 -14.74 15.78
N ASP A 50 2.12 -15.86 16.48
CA ASP A 50 1.21 -16.89 15.99
C ASP A 50 -0.13 -16.23 15.66
N PRO A 51 -0.74 -16.53 14.50
CA PRO A 51 -2.01 -15.87 14.18
C PRO A 51 -3.05 -15.98 15.29
N GLU A 52 -3.15 -17.14 15.95
CA GLU A 52 -4.17 -17.28 16.99
C GLU A 52 -3.82 -16.46 18.22
N TYR A 53 -2.54 -16.36 18.55
CA TYR A 53 -2.14 -15.50 19.66
C TYR A 53 -2.44 -14.03 19.35
N ILE A 54 -2.12 -13.59 18.13
CA ILE A 54 -2.45 -12.24 17.71
C ILE A 54 -3.95 -11.98 17.91
N ASN A 55 -4.78 -12.88 17.36
CA ASN A 55 -6.22 -12.73 17.48
C ASN A 55 -6.66 -12.62 18.92
N LEU A 56 -6.10 -13.44 19.81
CA LEU A 56 -6.49 -13.41 21.22
C LEU A 56 -6.13 -12.07 21.85
N MET A 57 -4.93 -11.58 21.57
CA MET A 57 -4.50 -10.32 22.14
C MET A 57 -5.25 -9.14 21.52
N LYS A 58 -5.65 -9.27 20.25
CA LYS A 58 -6.54 -8.28 19.66
C LYS A 58 -7.80 -8.11 20.50
N ASN A 59 -8.40 -9.23 20.90
CA ASN A 59 -9.64 -9.18 21.67
C ASN A 59 -9.40 -8.65 23.08
N LYS A 60 -8.22 -8.88 23.64
CA LYS A 60 -7.88 -8.32 24.94
C LYS A 60 -7.76 -6.80 24.85
N LEU A 61 -7.04 -6.32 23.82
CA LEU A 61 -6.78 -4.90 23.66
C LEU A 61 -7.98 -4.13 23.12
N ASP A 62 -8.82 -4.79 22.33
CA ASP A 62 -9.96 -4.15 21.67
C ASP A 62 -11.23 -4.95 21.97
N PRO A 63 -11.61 -5.03 23.24
CA PRO A 63 -12.75 -5.90 23.61
C PRO A 63 -14.06 -5.49 22.96
N GLU A 64 -14.22 -4.24 22.56
CA GLU A 64 -15.48 -3.76 22.01
C GLU A 64 -15.55 -3.92 20.49
N GLY A 65 -14.49 -4.38 19.84
CA GLY A 65 -14.53 -4.62 18.42
C GLY A 65 -14.53 -3.37 17.57
N LEU A 66 -13.84 -2.32 18.04
CA LEU A 66 -13.74 -1.08 17.28
C LEU A 66 -12.79 -1.20 16.10
N GLY A 67 -11.88 -2.17 16.13
CA GLY A 67 -10.92 -2.34 15.06
C GLY A 67 -9.66 -1.53 15.22
N ILE A 68 -9.35 -1.06 16.42
CA ILE A 68 -8.17 -0.23 16.68
C ILE A 68 -7.49 -0.71 17.95
N ILE A 69 -6.18 -0.49 18.02
CA ILE A 69 -5.36 -0.80 19.19
C ILE A 69 -4.86 0.51 19.78
N LEU A 70 -5.29 0.81 21.01
CA LEU A 70 -4.81 2.00 21.70
C LEU A 70 -3.41 1.77 22.27
N LEU A 71 -2.62 2.85 22.30
CA LEU A 71 -1.25 2.77 22.78
C LEU A 71 -1.20 2.35 24.25
N GLY A 72 -2.04 2.96 25.09
CA GLY A 72 -2.03 2.68 26.50
C GLY A 72 -2.18 1.21 26.83
N PRO A 73 -3.32 0.63 26.44
CA PRO A 73 -3.50 -0.81 26.68
C PRO A 73 -2.41 -1.66 26.06
N PHE A 74 -1.89 -1.27 24.90
CA PHE A 74 -0.80 -2.01 24.29
C PHE A 74 0.40 -2.08 25.23
N LEU A 75 0.85 -0.92 25.72
CA LEU A 75 2.02 -0.91 26.59
C LEU A 75 1.77 -1.67 27.89
N GLN A 76 0.55 -1.65 28.39
CA GLN A 76 0.27 -2.36 29.64
C GLN A 76 0.26 -3.86 29.44
N GLU A 77 -0.20 -4.34 28.28
CA GLU A 77 -0.25 -5.77 28.05
C GLU A 77 1.14 -6.37 27.88
N PHE A 78 2.02 -5.68 27.14
CA PHE A 78 3.32 -6.24 26.79
C PHE A 78 4.49 -5.65 27.58
N PHE A 79 4.28 -4.62 28.39
CA PHE A 79 5.33 -4.02 29.21
C PHE A 79 4.77 -3.60 30.55
N PRO A 80 4.23 -4.56 31.33
CA PRO A 80 3.64 -4.31 32.65
C PRO A 80 4.64 -3.73 33.66
N MET B 6 2.65 -13.83 -23.51
CA MET B 6 3.17 -13.14 -22.34
C MET B 6 2.63 -11.72 -22.26
N ALA B 7 2.19 -11.18 -23.41
CA ALA B 7 1.66 -9.83 -23.44
C ALA B 7 0.33 -9.74 -22.70
N LEU B 8 -0.41 -10.85 -22.60
CA LEU B 8 -1.70 -10.88 -21.93
C LEU B 8 -1.60 -11.37 -20.49
N VAL B 9 -0.41 -11.77 -20.03
CA VAL B 9 -0.28 -12.32 -18.69
C VAL B 9 -0.58 -11.25 -17.65
N ALA B 10 -1.47 -11.56 -16.72
CA ALA B 10 -1.86 -10.60 -15.70
C ALA B 10 -0.67 -10.30 -14.78
N PRO B 11 -0.44 -9.03 -14.48
CA PRO B 11 0.70 -8.67 -13.61
C PRO B 11 0.38 -8.72 -12.13
N GLU B 12 1.43 -9.02 -11.36
CA GLU B 12 1.42 -8.87 -9.91
C GLU B 12 0.92 -7.48 -9.52
N ALA B 13 0.21 -7.39 -8.40
CA ALA B 13 -0.13 -6.08 -7.86
C ALA B 13 1.14 -5.35 -7.43
N PRO B 14 1.26 -4.05 -7.70
CA PRO B 14 2.49 -3.33 -7.33
C PRO B 14 2.86 -3.48 -5.86
N SER B 15 1.87 -3.44 -4.96
CA SER B 15 2.16 -3.60 -3.54
C SER B 15 2.79 -4.95 -3.25
N GLU B 16 2.38 -5.99 -3.98
CA GLU B 16 2.89 -7.34 -3.72
C GLU B 16 4.29 -7.51 -4.30
N GLN B 17 4.56 -6.90 -5.45
CA GLN B 17 5.93 -6.83 -5.95
C GLN B 17 6.82 -6.10 -4.95
N ALA B 18 6.32 -5.02 -4.34
CA ALA B 18 7.11 -4.28 -3.37
C ALA B 18 7.37 -5.11 -2.13
N ARG B 19 6.35 -5.80 -1.63
CA ARG B 19 6.52 -6.71 -0.51
C ARG B 19 7.61 -7.73 -0.80
N ARG B 20 7.58 -8.33 -2.00
CA ARG B 20 8.60 -9.31 -2.37
C ARG B 20 9.99 -8.68 -2.35
N VAL B 21 10.16 -7.52 -2.98
CA VAL B 21 11.45 -6.83 -2.98
C VAL B 21 11.91 -6.58 -1.55
N PHE B 22 11.02 -6.01 -0.73
CA PHE B 22 11.36 -5.64 0.64
C PHE B 22 11.87 -6.85 1.42
N GLN B 23 11.11 -7.94 1.41
CA GLN B 23 11.54 -9.15 2.09
C GLN B 23 12.88 -9.64 1.56
N THR B 24 13.16 -9.42 0.27
CA THR B 24 14.43 -9.85 -0.29
C THR B 24 15.59 -9.05 0.28
N TYR B 25 15.40 -7.75 0.48
CA TYR B 25 16.41 -6.92 1.14
C TYR B 25 16.47 -7.17 2.64
N ASP B 26 15.56 -7.97 3.18
CA ASP B 26 15.47 -8.28 4.60
C ASP B 26 15.64 -9.78 4.79
N PRO B 27 16.80 -10.33 4.41
CA PRO B 27 16.96 -11.80 4.44
C PRO B 27 16.84 -12.41 5.82
N GLU B 28 16.98 -11.63 6.89
CA GLU B 28 16.78 -12.15 8.24
C GLU B 28 15.36 -11.96 8.75
N ASP B 29 14.47 -11.44 7.90
CA ASP B 29 13.06 -11.22 8.26
C ASP B 29 12.95 -10.44 9.57
N ASN B 30 13.68 -9.33 9.64
CA ASN B 30 13.53 -8.41 10.75
C ASN B 30 12.19 -7.68 10.72
N GLY B 31 11.57 -7.58 9.54
CA GLY B 31 10.41 -6.73 9.37
C GLY B 31 10.74 -5.33 8.89
N PHE B 32 12.02 -5.01 8.77
CA PHE B 32 12.46 -3.67 8.39
C PHE B 32 13.80 -3.79 7.68
N ILE B 33 14.21 -2.70 7.06
CA ILE B 33 15.54 -2.56 6.49
C ILE B 33 16.22 -1.38 7.20
N PRO B 34 17.54 -1.34 7.20
CA PRO B 34 18.22 -0.10 7.61
C PRO B 34 17.86 1.01 6.66
N ASP B 35 17.74 2.23 7.18
CA ASP B 35 17.34 3.32 6.29
C ASP B 35 18.40 3.63 5.24
N SER B 36 19.60 3.05 5.36
CA SER B 36 20.62 3.22 4.33
C SER B 36 20.28 2.46 3.05
N LEU B 37 19.35 1.50 3.13
CA LEU B 37 18.94 0.72 1.97
C LEU B 37 17.70 1.25 1.29
N LEU B 38 17.09 2.31 1.82
CA LEU B 38 15.87 2.84 1.20
C LEU B 38 16.11 3.22 -0.26
N GLU B 39 17.20 3.92 -0.52
CA GLU B 39 17.53 4.28 -1.90
C GLU B 39 17.50 3.06 -2.81
N ASP B 40 18.20 2.00 -2.42
CA ASP B 40 18.27 0.81 -3.27
C ASP B 40 16.88 0.22 -3.50
N VAL B 41 16.06 0.16 -2.45
CA VAL B 41 14.74 -0.44 -2.59
C VAL B 41 13.85 0.42 -3.50
N MET B 42 13.91 1.74 -3.35
CA MET B 42 13.10 2.58 -4.22
C MET B 42 13.56 2.49 -5.68
N LYS B 43 14.87 2.46 -5.92
CA LYS B 43 15.34 2.30 -7.29
C LYS B 43 14.89 0.97 -7.88
N ALA B 44 14.95 -0.11 -7.10
CA ALA B 44 14.53 -1.41 -7.62
C ALA B 44 13.05 -1.41 -7.98
N LEU B 45 12.26 -0.55 -7.34
CA LEU B 45 10.83 -0.46 -7.61
C LEU B 45 10.48 0.69 -8.54
N ASP B 46 11.45 1.24 -9.26
CA ASP B 46 11.22 2.31 -10.23
C ASP B 46 10.57 3.54 -9.60
N LEU B 47 10.85 3.81 -8.33
CA LEU B 47 10.35 5.02 -7.70
C LEU B 47 11.40 6.13 -7.80
N VAL B 48 10.92 7.37 -7.72
CA VAL B 48 11.80 8.52 -7.85
C VAL B 48 12.90 8.43 -6.81
N SER B 49 14.16 8.62 -7.25
CA SER B 49 15.31 8.40 -6.38
C SER B 49 16.24 9.62 -6.30
N ASP B 50 15.72 10.82 -6.54
CA ASP B 50 16.51 12.03 -6.32
C ASP B 50 17.00 12.07 -4.87
N PRO B 51 18.28 12.32 -4.62
CA PRO B 51 18.79 12.25 -3.23
C PRO B 51 17.97 13.04 -2.21
N GLU B 52 17.63 14.31 -2.50
CA GLU B 52 16.90 15.09 -1.52
C GLU B 52 15.48 14.56 -1.32
N TYR B 53 14.87 14.03 -2.38
CA TYR B 53 13.56 13.41 -2.24
C TYR B 53 13.62 12.21 -1.30
N ILE B 54 14.65 11.38 -1.44
CA ILE B 54 14.77 10.22 -0.58
C ILE B 54 14.97 10.62 0.87
N ASN B 55 15.61 11.76 1.13
CA ASN B 55 15.78 12.21 2.51
C ASN B 55 14.46 12.71 3.09
N LEU B 56 13.61 13.36 2.28
CA LEU B 56 12.26 13.65 2.75
C LEU B 56 11.52 12.37 3.07
N MET B 57 11.68 11.34 2.24
CA MET B 57 10.92 10.11 2.44
C MET B 57 11.41 9.35 3.65
N LYS B 58 12.74 9.35 3.88
CA LYS B 58 13.28 8.77 5.10
C LYS B 58 12.61 9.38 6.32
N ASN B 59 12.44 10.71 6.31
CA ASN B 59 11.88 11.41 7.46
C ASN B 59 10.38 11.19 7.57
N LYS B 60 9.67 11.14 6.45
CA LYS B 60 8.26 10.79 6.50
C LYS B 60 8.06 9.38 7.05
N LEU B 61 8.90 8.43 6.63
CA LEU B 61 8.70 7.04 7.02
C LEU B 61 9.23 6.74 8.40
N ASP B 62 10.29 7.41 8.83
CA ASP B 62 10.95 7.13 10.11
C ASP B 62 10.99 8.41 10.94
N PRO B 63 9.83 8.94 11.32
CA PRO B 63 9.82 10.22 12.05
C PRO B 63 10.46 10.12 13.43
N GLU B 64 10.37 8.96 14.08
CA GLU B 64 10.99 8.77 15.39
C GLU B 64 12.51 8.63 15.32
N GLY B 65 13.10 8.60 14.13
CA GLY B 65 14.54 8.50 14.02
C GLY B 65 15.10 7.18 14.48
N LEU B 66 14.38 6.08 14.27
CA LEU B 66 14.88 4.78 14.66
C LEU B 66 15.97 4.26 13.73
N GLY B 67 16.17 4.90 12.59
CA GLY B 67 17.19 4.46 11.65
C GLY B 67 16.77 3.31 10.76
N ILE B 68 15.49 2.96 10.73
CA ILE B 68 15.01 1.82 9.98
C ILE B 68 13.76 2.22 9.19
N ILE B 69 13.48 1.45 8.15
CA ILE B 69 12.25 1.58 7.37
C ILE B 69 11.46 0.29 7.58
N LEU B 70 10.29 0.41 8.19
CA LEU B 70 9.41 -0.73 8.39
C LEU B 70 8.55 -0.94 7.16
N LEU B 71 8.14 -2.18 6.93
CA LEU B 71 7.39 -2.51 5.72
C LEU B 71 6.06 -1.78 5.67
N GLY B 72 5.31 -1.80 6.76
CA GLY B 72 4.00 -1.18 6.81
C GLY B 72 4.00 0.24 6.30
N PRO B 73 4.77 1.11 6.96
CA PRO B 73 4.83 2.51 6.51
C PRO B 73 5.33 2.65 5.07
N PHE B 74 6.25 1.79 4.65
CA PHE B 74 6.77 1.86 3.28
C PHE B 74 5.65 1.59 2.28
N LEU B 75 4.95 0.47 2.43
CA LEU B 75 3.82 0.19 1.54
C LEU B 75 2.74 1.27 1.63
N GLN B 76 2.52 1.81 2.83
CA GLN B 76 1.46 2.82 2.97
C GLN B 76 1.77 4.08 2.19
N GLU B 77 3.04 4.47 2.10
CA GLU B 77 3.39 5.68 1.37
C GLU B 77 3.40 5.44 -0.14
N PHE B 78 3.97 4.32 -0.57
CA PHE B 78 4.27 4.11 -1.99
C PHE B 78 3.27 3.20 -2.69
N PHE B 79 2.57 2.33 -1.95
CA PHE B 79 1.64 1.38 -2.57
C PHE B 79 0.41 1.17 -1.70
N PRO B 80 -0.31 2.26 -1.37
CA PRO B 80 -1.47 2.11 -0.48
C PRO B 80 -2.55 1.20 -1.05
N MET C 6 -16.53 18.48 -4.04
CA MET C 6 -15.73 17.27 -3.90
C MET C 6 -14.29 17.66 -3.63
N ALA C 7 -14.10 18.94 -3.33
CA ALA C 7 -12.79 19.57 -3.49
C ALA C 7 -11.75 18.99 -2.54
N VAL C 8 -10.55 18.80 -3.06
CA VAL C 8 -9.42 18.25 -2.33
C VAL C 8 -8.43 19.39 -2.05
N THR C 9 -7.89 19.42 -0.83
CA THR C 9 -6.85 20.36 -0.45
C THR C 9 -5.52 19.61 -0.46
N ILE C 10 -4.64 19.99 -1.39
CA ILE C 10 -3.39 19.27 -1.61
C ILE C 10 -2.28 20.04 -0.91
N THR C 11 -1.56 19.35 -0.03
CA THR C 11 -0.38 19.93 0.60
C THR C 11 0.83 19.66 -0.28
N LEU C 12 1.64 20.69 -0.51
CA LEU C 12 2.85 20.59 -1.31
C LEU C 12 4.05 20.87 -0.43
N LYS C 13 5.12 20.10 -0.65
CA LYS C 13 6.37 20.27 0.06
C LYS C 13 7.47 20.42 -0.97
N THR C 14 8.32 21.41 -0.78
CA THR C 14 9.51 21.55 -1.60
C THR C 14 10.65 20.80 -0.93
N LEU C 15 11.67 20.46 -1.72
CA LEU C 15 12.78 19.72 -1.18
C LEU C 15 13.86 20.61 -0.59
N GLN C 16 13.67 21.94 -0.64
CA GLN C 16 14.38 22.87 0.23
C GLN C 16 13.48 23.38 1.35
N GLN C 17 12.57 22.53 1.83
CA GLN C 17 11.99 22.73 3.16
C GLN C 17 11.01 23.90 3.21
N GLN C 18 9.97 23.86 2.37
CA GLN C 18 8.81 24.72 2.52
C GLN C 18 7.56 23.89 2.29
N THR C 19 6.43 24.40 2.78
CA THR C 19 5.15 23.73 2.63
C THR C 19 4.07 24.76 2.34
N PHE C 20 3.11 24.37 1.50
CA PHE C 20 1.96 25.21 1.21
C PHE C 20 0.85 24.32 0.67
N LYS C 21 -0.34 24.91 0.49
CA LYS C 21 -1.53 24.16 0.17
C LYS C 21 -2.25 24.76 -1.03
N ILE C 22 -2.87 23.87 -1.82
CA ILE C 22 -3.58 24.23 -3.03
C ILE C 22 -4.94 23.55 -3.01
N ARG C 23 -5.99 24.32 -3.23
CA ARG C 23 -7.35 23.81 -3.33
C ARG C 23 -7.68 23.60 -4.81
N MET C 24 -8.28 22.47 -5.14
CA MET C 24 -8.68 22.27 -6.53
C MET C 24 -9.69 21.13 -6.62
N GLU C 25 -10.36 21.09 -7.77
CA GLU C 25 -11.42 20.12 -8.00
C GLU C 25 -10.84 18.78 -8.47
N PRO C 26 -11.46 17.67 -8.09
CA PRO C 26 -10.88 16.36 -8.44
C PRO C 26 -10.81 16.10 -9.93
N ASP C 27 -11.67 16.71 -10.74
CA ASP C 27 -11.62 16.49 -12.19
C ASP C 27 -10.56 17.34 -12.88
N GLU C 28 -10.02 18.36 -12.22
CA GLU C 28 -9.00 19.20 -12.83
C GLU C 28 -7.68 18.44 -12.92
N THR C 29 -6.91 18.75 -13.98
CA THR C 29 -5.73 17.98 -14.31
C THR C 29 -4.50 18.43 -13.52
N VAL C 30 -3.43 17.64 -13.63
CA VAL C 30 -2.14 18.00 -13.05
C VAL C 30 -1.66 19.33 -13.62
N LYS C 31 -1.90 19.57 -14.91
CA LYS C 31 -1.51 20.85 -15.51
C LYS C 31 -2.10 22.01 -14.72
N VAL C 32 -3.38 21.88 -14.32
CA VAL C 32 -4.03 22.93 -13.55
C VAL C 32 -3.39 23.06 -12.17
N LEU C 33 -2.98 21.93 -11.58
CA LEU C 33 -2.29 21.99 -10.30
C LEU C 33 -0.99 22.78 -10.40
N LYS C 34 -0.22 22.55 -11.48
CA LYS C 34 1.01 23.30 -11.67
C LYS C 34 0.72 24.79 -11.86
N GLU C 35 -0.34 25.11 -12.60
CA GLU C 35 -0.73 26.50 -12.80
C GLU C 35 -1.10 27.15 -11.47
N LYS C 36 -1.81 26.43 -10.60
CA LYS C 36 -2.14 26.97 -9.29
C LYS C 36 -0.91 27.12 -8.41
N ILE C 37 0.05 26.19 -8.52
CA ILE C 37 1.30 26.34 -7.78
C ILE C 37 2.06 27.58 -8.25
N GLU C 38 2.05 27.83 -9.57
CA GLU C 38 2.77 28.99 -10.08
C GLU C 38 2.10 30.29 -9.65
N ALA C 39 0.77 30.33 -9.64
CA ALA C 39 0.08 31.52 -9.15
C ALA C 39 0.33 31.73 -7.66
N GLU C 40 0.55 30.64 -6.93
CA GLU C 40 0.70 30.72 -5.48
C GLU C 40 2.11 31.09 -5.07
N LYS C 41 3.10 30.60 -5.82
CA LYS C 41 4.49 30.72 -5.44
C LYS C 41 5.33 31.49 -6.45
N GLY C 42 4.81 31.79 -7.63
CA GLY C 42 5.46 32.72 -8.55
C GLY C 42 6.06 32.03 -9.77
N ARG C 43 5.95 32.70 -10.91
CA ARG C 43 6.58 32.21 -12.13
C ARG C 43 8.11 32.22 -12.02
N ASP C 44 8.66 33.11 -11.21
CA ASP C 44 10.10 33.17 -11.02
C ASP C 44 10.64 31.83 -10.52
N ALA C 45 10.13 31.35 -9.39
CA ALA C 45 10.69 30.18 -8.72
C ALA C 45 9.91 28.89 -8.99
N PHE C 46 8.70 28.98 -9.55
CA PHE C 46 7.92 27.77 -9.83
C PHE C 46 7.23 27.87 -11.19
N PRO C 47 7.98 28.13 -12.25
CA PRO C 47 7.39 28.09 -13.59
C PRO C 47 6.80 26.72 -13.88
N VAL C 48 5.66 26.71 -14.57
CA VAL C 48 4.93 25.48 -14.78
C VAL C 48 5.80 24.45 -15.49
N ALA C 49 6.52 24.87 -16.54
CA ALA C 49 7.29 23.94 -17.34
C ALA C 49 8.45 23.32 -16.57
N GLY C 50 8.92 23.98 -15.52
CA GLY C 50 9.98 23.41 -14.70
C GLY C 50 9.51 22.58 -13.54
N GLN C 51 8.21 22.54 -13.28
CA GLN C 51 7.67 21.80 -12.15
C GLN C 51 7.67 20.30 -12.46
N LYS C 52 8.13 19.50 -11.50
CA LYS C 52 7.98 18.06 -11.52
C LYS C 52 7.34 17.67 -10.20
N LEU C 53 6.16 17.05 -10.26
CA LEU C 53 5.37 16.75 -9.08
C LEU C 53 5.42 15.26 -8.79
N ILE C 54 5.67 14.90 -7.52
CA ILE C 54 5.88 13.52 -7.11
C ILE C 54 4.81 13.16 -6.07
N TYR C 55 4.11 12.06 -6.30
CA TYR C 55 3.25 11.48 -5.29
C TYR C 55 3.44 9.97 -5.30
N ALA C 56 3.52 9.37 -4.11
CA ALA C 56 3.74 7.94 -3.97
C ALA C 56 4.93 7.50 -4.81
N GLY C 57 5.99 8.31 -4.77
CA GLY C 57 7.20 8.01 -5.51
C GLY C 57 7.04 7.98 -7.00
N LYS C 58 6.02 8.63 -7.55
CA LYS C 58 5.79 8.64 -8.99
C LYS C 58 5.59 10.06 -9.48
N ILE C 59 6.02 10.33 -10.71
CA ILE C 59 5.89 11.65 -11.31
C ILE C 59 4.48 11.81 -11.89
N LEU C 60 3.80 12.89 -11.53
CA LEU C 60 2.46 13.14 -12.03
C LEU C 60 2.52 13.69 -13.45
N SER C 61 1.57 13.25 -14.27
CA SER C 61 1.51 13.62 -15.69
C SER C 61 0.45 14.69 -15.93
N ASP C 62 0.81 15.65 -16.80
CA ASP C 62 0.02 16.87 -16.92
C ASP C 62 -1.44 16.60 -17.28
N ASP C 63 -1.68 15.66 -18.19
CA ASP C 63 -3.01 15.45 -18.76
C ASP C 63 -3.94 14.62 -17.87
N VAL C 64 -3.52 14.26 -16.66
CA VAL C 64 -4.23 13.28 -15.85
C VAL C 64 -5.09 14.02 -14.82
N PRO C 65 -6.38 13.72 -14.73
CA PRO C 65 -7.20 14.29 -13.65
C PRO C 65 -6.62 13.94 -12.29
N ILE C 66 -6.58 14.93 -11.39
CA ILE C 66 -5.86 14.75 -10.13
C ILE C 66 -6.45 13.60 -9.32
N ARG C 67 -7.74 13.29 -9.50
CA ARG C 67 -8.35 12.22 -8.72
C ARG C 67 -7.68 10.88 -8.97
N ASP C 68 -7.11 10.66 -10.16
CA ASP C 68 -6.53 9.36 -10.48
C ASP C 68 -5.38 9.00 -9.54
N TYR C 69 -4.70 9.99 -8.97
CA TYR C 69 -3.60 9.72 -8.05
C TYR C 69 -4.06 9.50 -6.62
N ARG C 70 -5.35 9.70 -6.34
CA ARG C 70 -5.96 9.34 -5.06
C ARG C 70 -5.16 9.94 -3.91
N ILE C 71 -5.01 11.26 -3.96
CA ILE C 71 -4.12 11.96 -3.04
C ILE C 71 -4.81 12.07 -1.68
N ASP C 72 -4.08 11.74 -0.63
CA ASP C 72 -4.56 11.76 0.74
C ASP C 72 -4.24 13.11 1.36
N GLU C 73 -5.26 13.74 1.98
CA GLU C 73 -5.09 15.10 2.49
C GLU C 73 -4.03 15.15 3.59
N LYS C 74 -3.84 14.07 4.34
CA LYS C 74 -2.78 14.04 5.34
C LYS C 74 -1.40 13.73 4.74
N ASN C 75 -1.31 13.50 3.44
CA ASN C 75 -0.03 13.28 2.76
C ASN C 75 0.37 14.57 2.04
N PHE C 76 1.36 14.48 1.15
CA PHE C 76 1.76 15.65 0.39
C PHE C 76 2.36 15.26 -0.96
N VAL C 77 2.25 16.20 -1.91
CA VAL C 77 2.93 16.11 -3.19
C VAL C 77 4.25 16.88 -3.07
N VAL C 78 5.33 16.29 -3.55
CA VAL C 78 6.62 16.99 -3.56
C VAL C 78 6.76 17.73 -4.89
N VAL C 79 7.22 18.98 -4.82
CA VAL C 79 7.44 19.79 -6.02
C VAL C 79 8.94 19.95 -6.20
N MET C 80 9.43 19.51 -7.35
CA MET C 80 10.80 19.72 -7.79
C MET C 80 10.79 20.68 -8.97
N VAL C 81 11.75 21.61 -8.99
CA VAL C 81 11.86 22.57 -10.08
C VAL C 81 13.19 22.32 -10.77
N THR C 82 13.14 22.09 -12.08
CA THR C 82 14.23 21.48 -12.81
C THR C 82 14.50 22.20 -14.12
N ALA D 7 -8.97 -15.35 3.87
CA ALA D 7 -10.41 -15.23 3.94
C ALA D 7 -10.92 -14.21 2.93
N VAL D 8 -10.84 -14.55 1.64
CA VAL D 8 -11.19 -13.64 0.57
C VAL D 8 -12.23 -14.28 -0.35
N THR D 9 -12.99 -13.43 -1.04
CA THR D 9 -14.10 -13.85 -1.88
C THR D 9 -13.90 -13.30 -3.29
N ILE D 10 -13.82 -14.21 -4.28
CA ILE D 10 -13.73 -13.86 -5.68
C ILE D 10 -15.12 -13.92 -6.30
N THR D 11 -15.46 -12.91 -7.11
CA THR D 11 -16.69 -12.87 -7.88
C THR D 11 -16.39 -13.25 -9.33
N LEU D 12 -17.14 -14.22 -9.84
CA LEU D 12 -16.88 -14.81 -11.15
C LEU D 12 -18.08 -14.60 -12.07
N LYS D 13 -17.80 -14.17 -13.30
CA LYS D 13 -18.80 -14.12 -14.37
C LYS D 13 -18.43 -15.12 -15.45
N THR D 14 -19.43 -15.82 -15.98
CA THR D 14 -19.29 -16.69 -17.13
C THR D 14 -19.81 -15.99 -18.39
N LEU D 15 -19.53 -16.59 -19.54
CA LEU D 15 -20.03 -16.03 -20.80
C LEU D 15 -21.50 -16.35 -21.04
N GLN D 16 -22.19 -16.88 -20.04
CA GLN D 16 -23.63 -17.07 -20.07
C GLN D 16 -24.34 -16.15 -19.09
N GLN D 17 -23.70 -15.03 -18.73
CA GLN D 17 -24.27 -14.02 -17.85
C GLN D 17 -24.61 -14.58 -16.48
N GLN D 18 -23.91 -15.62 -16.04
CA GLN D 18 -24.08 -16.15 -14.69
C GLN D 18 -22.98 -15.61 -13.78
N THR D 19 -23.37 -15.25 -12.56
CA THR D 19 -22.45 -14.74 -11.55
C THR D 19 -22.43 -15.68 -10.36
N PHE D 20 -21.27 -15.81 -9.72
CA PHE D 20 -21.18 -16.63 -8.53
C PHE D 20 -19.88 -16.33 -7.79
N LYS D 21 -19.85 -16.77 -6.54
CA LYS D 21 -18.86 -16.38 -5.55
C LYS D 21 -18.06 -17.62 -5.14
N ILE D 22 -16.74 -17.49 -5.09
CA ILE D 22 -15.87 -18.54 -4.57
C ILE D 22 -14.98 -17.93 -3.48
N ARG D 23 -14.92 -18.60 -2.32
CA ARG D 23 -14.04 -18.20 -1.24
C ARG D 23 -12.79 -19.08 -1.23
N MET D 24 -11.65 -18.46 -0.99
CA MET D 24 -10.40 -19.20 -0.86
C MET D 24 -9.49 -18.43 0.09
N GLU D 25 -8.41 -19.08 0.51
CA GLU D 25 -7.43 -18.39 1.34
C GLU D 25 -6.44 -17.62 0.47
N PRO D 26 -5.96 -16.48 0.96
CA PRO D 26 -5.05 -15.65 0.13
C PRO D 26 -3.90 -16.43 -0.48
N ASP D 27 -3.40 -17.46 0.20
CA ASP D 27 -2.22 -18.19 -0.27
C ASP D 27 -2.55 -19.25 -1.32
N GLU D 28 -3.83 -19.57 -1.54
CA GLU D 28 -4.19 -20.57 -2.53
C GLU D 28 -4.07 -19.98 -3.93
N THR D 29 -3.66 -20.82 -4.87
CA THR D 29 -3.25 -20.35 -6.19
C THR D 29 -4.45 -20.23 -7.13
N VAL D 30 -4.19 -19.61 -8.28
CA VAL D 30 -5.18 -19.56 -9.35
C VAL D 30 -5.59 -20.97 -9.74
N LYS D 31 -4.64 -21.91 -9.74
CA LYS D 31 -4.97 -23.29 -10.07
C LYS D 31 -6.03 -23.85 -9.13
N VAL D 32 -5.97 -23.48 -7.85
CA VAL D 32 -6.97 -23.94 -6.89
C VAL D 32 -8.28 -23.22 -7.11
N LEU D 33 -8.24 -21.94 -7.52
CA LEU D 33 -9.46 -21.26 -7.92
C LEU D 33 -10.16 -22.02 -9.04
N LYS D 34 -9.39 -22.45 -10.05
CA LYS D 34 -9.98 -23.23 -11.14
C LYS D 34 -10.60 -24.52 -10.62
N GLU D 35 -9.89 -25.22 -9.73
CA GLU D 35 -10.44 -26.44 -9.16
C GLU D 35 -11.76 -26.17 -8.45
N LYS D 36 -11.84 -25.08 -7.70
CA LYS D 36 -13.08 -24.78 -6.99
C LYS D 36 -14.19 -24.39 -7.95
N ILE D 37 -13.86 -23.65 -9.02
CA ILE D 37 -14.85 -23.36 -10.04
C ILE D 37 -15.39 -24.65 -10.64
N GLU D 38 -14.49 -25.60 -10.93
CA GLU D 38 -14.91 -26.86 -11.51
C GLU D 38 -15.85 -27.62 -10.58
N ALA D 39 -15.54 -27.66 -9.29
CA ALA D 39 -16.42 -28.32 -8.35
C ALA D 39 -17.78 -27.65 -8.30
N GLU D 40 -17.82 -26.33 -8.52
CA GLU D 40 -19.05 -25.57 -8.40
C GLU D 40 -19.89 -25.62 -9.67
N LYS D 41 -19.25 -25.68 -10.84
CA LYS D 41 -19.95 -25.58 -12.11
C LYS D 41 -19.84 -26.84 -12.95
N GLY D 42 -19.01 -27.81 -12.58
CA GLY D 42 -18.96 -29.08 -13.28
C GLY D 42 -17.78 -29.23 -14.22
N ARG D 43 -17.21 -30.44 -14.30
CA ARG D 43 -16.06 -30.68 -15.17
C ARG D 43 -16.50 -30.81 -16.63
N ASP D 44 -17.79 -31.09 -16.86
CA ASP D 44 -18.32 -31.12 -18.21
C ASP D 44 -18.16 -29.77 -18.91
N ALA D 45 -18.54 -28.70 -18.21
CA ALA D 45 -18.58 -27.37 -18.81
C ALA D 45 -17.40 -26.48 -18.40
N PHE D 46 -16.80 -26.71 -17.23
CA PHE D 46 -15.66 -25.90 -16.77
C PHE D 46 -14.53 -26.79 -16.29
N PRO D 47 -14.01 -27.65 -17.18
CA PRO D 47 -12.82 -28.43 -16.81
C PRO D 47 -11.65 -27.49 -16.51
N VAL D 48 -10.88 -27.84 -15.49
CA VAL D 48 -9.77 -26.97 -15.08
C VAL D 48 -8.86 -26.69 -16.26
N ALA D 49 -8.58 -27.71 -17.07
CA ALA D 49 -7.63 -27.54 -18.16
C ALA D 49 -8.09 -26.47 -19.16
N GLY D 50 -9.38 -26.41 -19.44
CA GLY D 50 -9.91 -25.47 -20.39
C GLY D 50 -10.22 -24.09 -19.86
N GLN D 51 -10.02 -23.86 -18.56
CA GLN D 51 -10.39 -22.58 -17.95
C GLN D 51 -9.33 -21.52 -18.22
N LYS D 52 -9.78 -20.33 -18.61
CA LYS D 52 -8.98 -19.12 -18.60
C LYS D 52 -9.67 -18.10 -17.70
N LEU D 53 -8.94 -17.59 -16.71
CA LEU D 53 -9.45 -16.61 -15.76
C LEU D 53 -8.91 -15.25 -16.15
N ILE D 54 -9.79 -14.29 -16.39
CA ILE D 54 -9.42 -13.00 -16.95
C ILE D 54 -9.78 -11.93 -15.94
N TYR D 55 -8.77 -11.23 -15.43
CA TYR D 55 -8.97 -10.14 -14.48
C TYR D 55 -8.45 -8.86 -15.10
N ALA D 56 -9.33 -7.85 -15.20
CA ALA D 56 -8.98 -6.56 -15.79
C ALA D 56 -8.35 -6.73 -17.17
N GLY D 57 -8.89 -7.66 -17.96
CA GLY D 57 -8.45 -7.85 -19.32
C GLY D 57 -7.18 -8.65 -19.49
N LYS D 58 -6.63 -9.23 -18.43
CA LYS D 58 -5.42 -10.05 -18.52
C LYS D 58 -5.66 -11.39 -17.84
N ILE D 59 -4.77 -12.33 -18.15
CA ILE D 59 -4.96 -13.74 -17.81
C ILE D 59 -4.22 -14.06 -16.52
N LEU D 60 -4.93 -14.63 -15.55
CA LEU D 60 -4.29 -15.05 -14.31
C LEU D 60 -3.47 -16.32 -14.54
N SER D 61 -2.44 -16.49 -13.72
CA SER D 61 -1.44 -17.54 -13.91
C SER D 61 -1.59 -18.61 -12.83
N ASP D 62 -1.56 -19.88 -13.26
CA ASP D 62 -1.98 -20.98 -12.41
C ASP D 62 -1.24 -21.01 -11.07
N ASP D 63 0.08 -20.84 -11.10
CA ASP D 63 0.89 -21.08 -9.91
C ASP D 63 0.97 -19.89 -8.96
N VAL D 64 0.26 -18.80 -9.25
CA VAL D 64 0.35 -17.57 -8.46
C VAL D 64 -0.67 -17.58 -7.33
N PRO D 65 -0.27 -17.32 -6.08
CA PRO D 65 -1.27 -17.13 -5.02
C PRO D 65 -2.22 -16.00 -5.37
N ILE D 66 -3.50 -16.19 -5.05
CA ILE D 66 -4.50 -15.22 -5.49
C ILE D 66 -4.28 -13.88 -4.80
N ARG D 67 -3.77 -13.87 -3.57
CA ARG D 67 -3.50 -12.63 -2.85
C ARG D 67 -2.59 -11.69 -3.64
N ASP D 68 -1.82 -12.23 -4.58
CA ASP D 68 -0.79 -11.48 -5.26
C ASP D 68 -1.34 -10.53 -6.31
N TYR D 69 -2.59 -10.74 -6.73
CA TYR D 69 -3.24 -9.84 -7.68
C TYR D 69 -4.00 -8.71 -7.00
N ARG D 70 -4.18 -8.78 -5.68
CA ARG D 70 -4.87 -7.73 -4.93
C ARG D 70 -6.22 -7.42 -5.60
N ILE D 71 -6.96 -8.48 -5.92
CA ILE D 71 -8.24 -8.32 -6.59
C ILE D 71 -9.22 -7.68 -5.62
N ASP D 72 -9.66 -6.48 -5.93
CA ASP D 72 -10.72 -5.85 -5.17
C ASP D 72 -12.02 -6.61 -5.37
N GLU D 73 -12.73 -6.87 -4.28
CA GLU D 73 -14.03 -7.54 -4.37
C GLU D 73 -15.05 -6.70 -5.13
N LYS D 74 -14.71 -5.46 -5.50
CA LYS D 74 -15.57 -4.68 -6.38
C LYS D 74 -15.65 -5.30 -7.77
N ASN D 75 -14.49 -5.58 -8.37
CA ASN D 75 -14.46 -6.12 -9.72
C ASN D 75 -14.67 -7.62 -9.72
N PHE D 76 -14.85 -8.17 -10.91
CA PHE D 76 -15.06 -9.60 -11.09
C PHE D 76 -13.92 -10.20 -11.92
N VAL D 77 -13.81 -11.52 -11.82
CA VAL D 77 -12.96 -12.32 -12.68
C VAL D 77 -13.87 -13.05 -13.65
N VAL D 78 -13.55 -12.99 -14.94
CA VAL D 78 -14.30 -13.73 -15.95
C VAL D 78 -13.63 -15.08 -16.14
N VAL D 79 -14.42 -16.16 -16.10
CA VAL D 79 -13.95 -17.50 -16.38
C VAL D 79 -14.47 -17.90 -17.75
N MET D 80 -13.56 -18.12 -18.69
CA MET D 80 -13.87 -18.48 -20.06
C MET D 80 -13.41 -19.90 -20.34
N VAL D 81 -14.13 -20.59 -21.22
CA VAL D 81 -13.67 -21.86 -21.76
C VAL D 81 -13.84 -21.80 -23.28
C1 GOL E . 17.40 -2.57 15.30
O1 GOL E . 17.65 -1.52 14.43
C2 GOL E . 16.90 -1.94 16.62
O2 GOL E . 16.63 -0.58 16.46
C3 GOL E . 15.64 -2.74 17.00
O3 GOL E . 14.56 -2.13 16.35
H11 GOL E . 18.20 -3.10 15.49
H12 GOL E . 16.74 -3.19 14.97
HO1 GOL E . 17.68 -0.82 14.91
H2 GOL E . 17.58 -2.00 17.30
HO2 GOL E . 16.69 -0.22 17.23
H31 GOL E . 15.55 -2.75 17.96
H32 GOL E . 15.77 -3.67 16.74
HO3 GOL E . 13.93 -2.69 16.34
#